data_1FMG
#
_entry.id   1FMG
#
_cell.length_a   77.947
_cell.length_b   54.155
_cell.length_c   47.274
_cell.angle_alpha   90.00
_cell.angle_beta   90.00
_cell.angle_gamma   90.00
#
_symmetry.space_group_name_H-M   'P 21 21 21'
#
loop_
_entity.id
_entity.type
_entity.pdbx_description
1 polymer TRYPSIN
2 non-polymer 'CALCIUM ION'
3 non-polymer 'SULFATE ION'
4 non-polymer 1,2-ETHANEDIOL
5 water water
#
_entity_poly.entity_id   1
_entity_poly.type   'polypeptide(L)'
_entity_poly.pdbx_seq_one_letter_code
;IVGGYTCAANSIPYQVSLNSGSHFCGGSLINSQWVVSAAHCYKSRIQVRLGEHNIDVLEGNEQFINAAKIITHPNFNGNT
LDNDIMLIKLSSPATLNSRVATVSLPRSCAAAGTECLISGWGNTKSSGSSYPSLLQCLKAPVLSNSSCKSSYPGQITGNM
ICVGFLQGGKDSCQGDSGGPVVCNGQLQGIVSWGYGCAQKNKPGVYTKVCNYVNWIQQTIAAN
;
_entity_poly.pdbx_strand_id   A
#
loop_
_chem_comp.id
_chem_comp.type
_chem_comp.name
_chem_comp.formula
CA non-polymer 'CALCIUM ION' 'Ca 2'
EDO non-polymer 1,2-ETHANEDIOL 'C2 H6 O2'
SO4 non-polymer 'SULFATE ION' 'O4 S -2'
#
# COMPACT_ATOMS: atom_id res chain seq x y z
N ILE A 1 0.40 -10.17 -4.26
CA ILE A 1 1.87 -10.35 -4.18
C ILE A 1 2.32 -11.65 -4.87
N VAL A 2 3.26 -11.52 -5.80
CA VAL A 2 3.83 -12.67 -6.49
C VAL A 2 5.19 -13.01 -5.90
N GLY A 3 5.39 -14.32 -5.58
CA GLY A 3 6.75 -14.70 -5.19
C GLY A 3 6.99 -14.41 -3.73
N GLY A 4 5.91 -14.24 -2.97
CA GLY A 4 6.00 -13.87 -1.56
C GLY A 4 5.84 -15.08 -0.67
N TYR A 5 5.53 -14.88 0.59
CA TYR A 5 5.21 -15.93 1.55
C TYR A 5 4.02 -15.53 2.41
N THR A 6 3.31 -16.43 3.05
CA THR A 6 2.21 -16.10 3.94
C THR A 6 2.63 -15.45 5.26
N CYS A 7 2.14 -14.23 5.51
CA CYS A 7 2.65 -13.50 6.69
C CYS A 7 2.21 -14.27 7.94
N ALA A 8 2.93 -14.18 9.06
CA ALA A 8 2.33 -14.68 10.31
C ALA A 8 1.06 -13.93 10.68
N ALA A 9 0.06 -14.65 11.23
CA ALA A 9 -1.20 -14.04 11.59
C ALA A 9 -1.04 -12.77 12.41
N ASN A 10 -1.58 -11.66 11.89
CA ASN A 10 -1.68 -10.42 12.61
C ASN A 10 -0.33 -9.76 12.86
N SER A 11 0.68 -10.14 12.07
CA SER A 11 2.04 -9.67 12.31
C SER A 11 2.31 -8.37 11.55
N ILE A 12 1.28 -7.94 10.83
CA ILE A 12 1.33 -6.68 10.07
C ILE A 12 0.11 -5.82 10.47
N PRO A 13 0.10 -5.30 11.69
CA PRO A 13 -1.11 -4.83 12.34
C PRO A 13 -1.57 -3.49 11.78
N TYR A 14 -0.73 -2.81 11.00
CA TYR A 14 -1.17 -1.62 10.30
C TYR A 14 -1.88 -1.92 8.98
N GLN A 15 -1.87 -3.15 8.46
CA GLN A 15 -2.43 -3.42 7.10
C GLN A 15 -3.95 -3.36 7.14
N VAL A 16 -4.62 -2.66 6.22
CA VAL A 16 -6.05 -2.74 6.09
C VAL A 16 -6.48 -3.30 4.74
N SER A 17 -7.74 -3.73 4.70
CA SER A 17 -8.38 -4.19 3.45
C SER A 17 -9.48 -3.15 3.17
N LEU A 18 -9.55 -2.59 1.97
CA LEU A 18 -10.74 -1.77 1.67
C LEU A 18 -11.75 -2.67 0.95
N ASN A 19 -12.99 -2.59 1.37
CA ASN A 19 -14.01 -3.54 0.88
C ASN A 19 -15.23 -2.77 0.35
N SER A 20 -15.77 -3.12 -0.81
CA SER A 20 -17.18 -2.72 -1.01
C SER A 20 -18.00 -3.84 -1.59
N GLY A 21 -18.23 -4.85 -0.76
CA GLY A 21 -18.85 -6.09 -1.27
C GLY A 21 -17.75 -7.14 -1.35
N SER A 22 -16.59 -6.75 -1.90
CA SER A 22 -15.40 -7.59 -1.71
C SER A 22 -14.14 -6.74 -1.56
N HIS A 23 -13.05 -7.31 -1.13
CA HIS A 23 -11.72 -6.69 -1.13
C HIS A 23 -11.33 -6.15 -2.50
N PHE A 24 -10.94 -4.88 -2.57
CA PHE A 24 -10.41 -4.33 -3.81
C PHE A 24 -9.09 -3.59 -3.70
N CYS A 25 -8.67 -3.11 -2.54
CA CYS A 25 -7.35 -2.45 -2.43
C CYS A 25 -6.88 -2.53 -0.98
N GLY A 26 -5.61 -2.23 -0.74
CA GLY A 26 -5.13 -2.17 0.65
C GLY A 26 -4.97 -0.74 1.10
N GLY A 27 -4.40 -0.62 2.31
CA GLY A 27 -4.24 0.70 2.92
C GLY A 27 -3.42 0.48 4.20
N SER A 28 -3.18 1.53 4.91
CA SER A 28 -2.25 1.49 6.07
C SER A 28 -2.95 2.43 7.09
N LEU A 29 -3.03 1.99 8.33
CA LEU A 29 -3.46 2.83 9.42
C LEU A 29 -2.33 3.73 9.92
N ILE A 30 -2.53 5.04 9.87
CA ILE A 30 -1.43 5.94 10.29
C ILE A 30 -1.82 6.70 11.56
N ASN A 31 -3.12 6.74 11.90
CA ASN A 31 -3.56 7.12 13.22
C ASN A 31 -4.89 6.45 13.56
N SER A 32 -5.46 6.71 14.74
CA SER A 32 -6.67 5.94 15.08
C SER A 32 -7.84 6.28 14.19
N GLN A 33 -7.83 7.45 13.53
CA GLN A 33 -8.96 7.79 12.69
C GLN A 33 -8.72 7.84 11.18
N TRP A 34 -7.51 7.64 10.70
CA TRP A 34 -7.16 7.92 9.30
C TRP A 34 -6.34 6.76 8.68
N VAL A 35 -6.69 6.34 7.48
CA VAL A 35 -6.03 5.36 6.62
C VAL A 35 -5.42 6.05 5.40
N VAL A 36 -4.19 5.69 5.05
CA VAL A 36 -3.66 6.10 3.71
C VAL A 36 -3.71 5.01 2.68
N SER A 37 -4.11 5.34 1.46
CA SER A 37 -4.21 4.41 0.32
C SER A 37 -3.87 5.15 -0.97
N ALA A 38 -4.13 4.56 -2.11
CA ALA A 38 -3.85 5.03 -3.44
C ALA A 38 -5.09 5.72 -4.05
N ALA A 39 -4.92 6.91 -4.59
CA ALA A 39 -5.98 7.64 -5.26
C ALA A 39 -6.65 6.83 -6.35
N HIS A 40 -5.90 5.98 -7.03
CA HIS A 40 -6.48 5.19 -8.12
C HIS A 40 -7.45 4.14 -7.61
N CYS A 41 -7.48 3.90 -6.30
CA CYS A 41 -8.39 2.96 -5.69
C CYS A 41 -9.75 3.58 -5.35
N TYR A 42 -9.90 4.88 -5.62
CA TYR A 42 -11.10 5.58 -5.19
C TYR A 42 -12.39 4.87 -5.57
N LYS A 43 -13.29 4.73 -4.61
CA LYS A 43 -14.73 4.42 -4.95
C LYS A 43 -15.55 5.23 -3.96
N SER A 44 -16.85 5.46 -4.08
CA SER A 44 -17.41 6.46 -3.14
C SER A 44 -18.08 5.86 -1.92
N ARG A 45 -18.26 4.55 -1.85
CA ARG A 45 -18.56 3.90 -0.55
C ARG A 45 -17.41 2.91 -0.30
N ILE A 46 -16.74 3.03 0.83
CA ILE A 46 -15.72 2.01 1.16
C ILE A 46 -15.98 1.57 2.60
N GLN A 47 -15.85 0.27 2.88
CA GLN A 47 -15.73 -0.17 4.29
C GLN A 47 -14.29 -0.57 4.58
N VAL A 48 -13.71 -0.08 5.68
CA VAL A 48 -12.36 -0.46 6.09
C VAL A 48 -12.34 -1.64 7.04
N ARG A 49 -11.58 -2.71 6.75
CA ARG A 49 -11.51 -3.87 7.62
C ARG A 49 -10.11 -3.95 8.23
N LEU A 50 -10.07 -3.72 9.54
CA LEU A 50 -8.87 -3.75 10.32
C LEU A 50 -8.75 -5.09 11.04
N GLY A 51 -7.51 -5.43 11.36
CA GLY A 51 -7.24 -6.61 12.15
C GLY A 51 -7.51 -7.91 11.38
N GLU A 52 -7.52 -7.86 10.07
CA GLU A 52 -7.65 -9.05 9.23
C GLU A 52 -6.40 -9.88 9.06
N HIS A 53 -6.57 -11.20 9.02
CA HIS A 53 -5.60 -12.08 8.38
C HIS A 53 -6.22 -12.89 7.25
N ASN A 54 -7.30 -13.62 7.50
CA ASN A 54 -7.98 -14.40 6.47
C ASN A 54 -9.23 -13.64 6.00
N ILE A 55 -9.24 -13.08 4.80
CA ILE A 55 -10.32 -12.21 4.43
C ILE A 55 -11.63 -12.94 4.21
N ASP A 56 -11.59 -14.27 4.19
CA ASP A 56 -12.77 -15.03 3.80
C ASP A 56 -13.50 -15.61 4.99
N VAL A 57 -12.97 -15.40 6.20
CA VAL A 57 -13.51 -16.08 7.36
C VAL A 57 -13.55 -15.15 8.55
N LEU A 58 -14.63 -15.00 9.29
CA LEU A 58 -14.58 -14.05 10.42
C LEU A 58 -13.84 -14.68 11.60
N GLU A 59 -12.73 -14.09 12.06
CA GLU A 59 -11.82 -14.82 12.95
C GLU A 59 -11.85 -14.27 14.37
N GLY A 60 -12.24 -13.00 14.50
CA GLY A 60 -12.74 -12.45 15.74
C GLY A 60 -11.79 -11.42 16.34
N ASN A 61 -10.70 -11.12 15.64
CA ASN A 61 -9.93 -9.93 15.95
C ASN A 61 -10.32 -8.75 15.07
N GLU A 62 -11.34 -8.83 14.22
CA GLU A 62 -11.54 -7.84 13.18
C GLU A 62 -12.31 -6.62 13.71
N GLN A 63 -12.06 -5.45 13.13
CA GLN A 63 -13.03 -4.35 13.34
C GLN A 63 -13.44 -3.84 11.96
N PHE A 64 -14.74 -3.71 11.70
CA PHE A 64 -15.17 -3.24 10.38
C PHE A 64 -15.79 -1.85 10.53
N ILE A 65 -15.21 -0.86 9.86
CA ILE A 65 -15.66 0.52 10.12
C ILE A 65 -15.79 1.27 8.80
N ASN A 66 -16.89 2.02 8.64
CA ASN A 66 -17.15 2.59 7.31
C ASN A 66 -16.37 3.91 7.19
N ALA A 67 -16.01 4.29 5.96
CA ALA A 67 -15.36 5.54 5.72
C ALA A 67 -16.37 6.68 5.80
N ALA A 68 -16.00 7.74 6.51
CA ALA A 68 -16.82 8.93 6.61
C ALA A 68 -16.39 10.00 5.61
N LYS A 69 -15.10 10.07 5.30
CA LYS A 69 -14.61 11.07 4.32
C LYS A 69 -13.52 10.37 3.46
N ILE A 70 -13.50 10.67 2.18
CA ILE A 70 -12.47 10.16 1.27
C ILE A 70 -11.86 11.36 0.52
N ILE A 71 -10.57 11.58 0.67
CA ILE A 71 -9.91 12.82 0.20
C ILE A 71 -8.75 12.44 -0.69
N THR A 72 -8.89 12.66 -2.00
CA THR A 72 -7.85 12.32 -2.96
C THR A 72 -6.95 13.56 -3.16
N HIS A 73 -5.69 13.33 -3.44
CA HIS A 73 -4.75 14.46 -3.54
C HIS A 73 -5.18 15.32 -4.71
N PRO A 74 -5.23 16.61 -4.56
CA PRO A 74 -5.73 17.54 -5.58
C PRO A 74 -4.91 17.57 -6.86
N ASN A 75 -3.65 17.13 -6.83
CA ASN A 75 -2.89 16.99 -8.07
C ASN A 75 -2.73 15.58 -8.56
N PHE A 76 -3.56 14.64 -8.08
CA PHE A 76 -3.50 13.29 -8.66
C PHE A 76 -3.73 13.38 -10.18
N ASN A 77 -2.89 12.73 -10.94
CA ASN A 77 -2.97 12.66 -12.39
C ASN A 77 -3.21 11.22 -12.84
N GLY A 78 -4.39 10.93 -13.39
CA GLY A 78 -4.76 9.56 -13.76
C GLY A 78 -4.03 9.08 -15.02
N ASN A 79 -3.42 9.97 -15.78
CA ASN A 79 -2.53 9.61 -16.86
C ASN A 79 -1.13 9.26 -16.41
N THR A 80 -0.44 10.08 -15.62
CA THR A 80 0.92 9.63 -15.22
C THR A 80 0.91 8.86 -13.93
N LEU A 81 -0.17 8.91 -13.15
CA LEU A 81 -0.22 8.33 -11.82
C LEU A 81 0.68 9.08 -10.83
N ASP A 82 1.04 10.31 -11.15
CA ASP A 82 1.74 11.17 -10.17
C ASP A 82 0.77 11.65 -9.08
N ASN A 83 1.24 11.83 -7.86
CA ASN A 83 0.47 11.94 -6.65
C ASN A 83 -0.63 10.90 -6.45
N ASP A 84 -0.25 9.63 -6.56
CA ASP A 84 -1.25 8.55 -6.38
C ASP A 84 -1.41 8.24 -4.89
N ILE A 85 -2.20 9.05 -4.21
CA ILE A 85 -2.32 9.00 -2.76
C ILE A 85 -3.68 9.52 -2.32
N MET A 86 -4.25 8.93 -1.29
CA MET A 86 -5.63 9.23 -0.87
C MET A 86 -5.73 9.03 0.65
N LEU A 87 -6.46 9.88 1.34
CA LEU A 87 -6.68 9.69 2.78
C LEU A 87 -8.16 9.35 3.06
N ILE A 88 -8.35 8.42 3.99
CA ILE A 88 -9.72 8.07 4.39
C ILE A 88 -9.86 8.27 5.89
N LYS A 89 -10.85 9.07 6.28
CA LYS A 89 -11.26 9.15 7.67
C LYS A 89 -12.37 8.17 8.03
N LEU A 90 -12.12 7.38 9.05
CA LEU A 90 -13.08 6.42 9.59
C LEU A 90 -14.21 7.13 10.34
N SER A 91 -15.40 6.52 10.33
CA SER A 91 -16.56 7.21 10.91
C SER A 91 -16.53 7.12 12.43
N SER A 92 -15.75 6.20 12.97
CA SER A 92 -15.37 6.17 14.36
C SER A 92 -13.98 5.58 14.48
N PRO A 93 -13.26 5.94 15.53
CA PRO A 93 -11.89 5.58 15.78
C PRO A 93 -11.65 4.09 15.91
N ALA A 94 -10.58 3.63 15.27
CA ALA A 94 -10.09 2.27 15.53
C ALA A 94 -9.64 2.14 16.97
N THR A 95 -9.97 1.00 17.57
CA THR A 95 -9.33 0.65 18.85
C THR A 95 -8.04 -0.10 18.60
N LEU A 96 -6.95 0.46 19.15
CA LEU A 96 -5.61 -0.01 18.92
C LEU A 96 -5.21 -1.08 19.92
N ASN A 97 -4.55 -2.12 19.45
CA ASN A 97 -4.22 -3.26 20.29
C ASN A 97 -3.10 -4.05 19.64
N SER A 98 -2.97 -5.31 20.07
CA SER A 98 -1.99 -6.21 19.52
C SER A 98 -2.19 -6.43 18.03
N ARG A 99 -3.44 -6.47 17.57
CA ARG A 99 -3.74 -6.99 16.22
C ARG A 99 -4.06 -5.78 15.34
N VAL A 100 -4.03 -4.58 15.92
CA VAL A 100 -4.42 -3.34 15.27
C VAL A 100 -3.56 -2.17 15.74
N ALA A 101 -2.69 -1.67 14.85
CA ALA A 101 -1.68 -0.70 15.22
C ALA A 101 -1.39 0.25 14.09
N THR A 102 -0.93 1.46 14.44
CA THR A 102 -0.43 2.42 13.48
C THR A 102 1.01 2.18 13.01
N VAL A 103 1.30 2.67 11.82
CA VAL A 103 2.67 2.64 11.30
C VAL A 103 3.17 4.09 11.24
N SER A 104 4.45 4.29 11.54
CA SER A 104 5.02 5.62 11.45
C SER A 104 5.14 6.18 10.06
N LEU A 105 4.90 7.50 9.93
CA LEU A 105 5.26 8.19 8.67
C LEU A 105 6.78 8.37 8.66
N PRO A 106 7.39 8.66 7.53
CA PRO A 106 8.83 8.67 7.37
C PRO A 106 9.43 9.89 8.05
N ARG A 107 10.51 9.72 8.80
CA ARG A 107 11.31 10.88 9.19
C ARG A 107 12.23 11.46 8.16
N SER A 108 12.56 10.65 7.16
CA SER A 108 13.23 11.19 5.97
C SER A 108 12.94 10.19 4.84
N CYS A 109 13.49 10.49 3.68
CA CYS A 109 13.40 9.52 2.57
C CYS A 109 14.44 8.41 2.79
N ALA A 110 14.26 7.32 2.07
CA ALA A 110 15.10 6.14 2.38
C ALA A 110 16.25 6.09 1.35
N ALA A 111 17.38 5.57 1.79
CA ALA A 111 18.52 5.30 0.92
C ALA A 111 18.21 4.13 -0.01
N ALA A 112 18.78 4.17 -1.20
CA ALA A 112 18.80 3.00 -2.08
C ALA A 112 19.44 1.80 -1.44
N GLY A 113 18.91 0.60 -1.63
CA GLY A 113 19.36 -0.60 -0.95
C GLY A 113 18.59 -0.96 0.30
N THR A 114 17.81 -0.01 0.84
CA THR A 114 17.14 -0.27 2.11
C THR A 114 16.13 -1.41 1.87
N GLU A 115 16.09 -2.35 2.80
CA GLU A 115 15.17 -3.49 2.62
C GLU A 115 13.82 -3.06 3.20
N CYS A 116 12.74 -3.42 2.54
CA CYS A 116 11.40 -3.10 3.05
C CYS A 116 10.49 -4.33 3.00
N LEU A 117 9.35 -4.21 3.66
CA LEU A 117 8.34 -5.27 3.65
C LEU A 117 7.06 -4.79 2.99
N ILE A 118 6.58 -5.57 2.04
CA ILE A 118 5.37 -5.22 1.27
C ILE A 118 4.32 -6.30 1.50
N SER A 119 3.05 -5.92 1.63
CA SER A 119 2.05 -6.87 2.09
C SER A 119 0.73 -6.65 1.40
N GLY A 120 -0.06 -7.70 1.19
CA GLY A 120 -1.39 -7.44 0.62
C GLY A 120 -2.06 -8.72 0.20
N TRP A 121 -3.30 -8.56 -0.24
CA TRP A 121 -4.09 -9.73 -0.66
C TRP A 121 -4.29 -9.72 -2.17
N GLY A 122 -3.34 -9.19 -2.94
CA GLY A 122 -3.60 -9.06 -4.39
C GLY A 122 -3.24 -10.37 -5.07
N ASN A 123 -3.20 -10.35 -6.40
CA ASN A 123 -2.94 -11.55 -7.20
C ASN A 123 -1.57 -12.14 -6.90
N THR A 124 -1.53 -13.48 -6.83
CA THR A 124 -0.34 -14.22 -6.49
C THR A 124 0.38 -14.83 -7.67
N LYS A 125 -0.16 -14.69 -8.88
CA LYS A 125 0.40 -15.39 -10.02
C LYS A 125 0.77 -14.49 -11.20
N SER A 126 1.92 -14.82 -11.78
CA SER A 126 2.43 -14.25 -13.00
C SER A 126 1.56 -14.64 -14.21
N SER A 127 1.49 -15.95 -14.47
CA SER A 127 0.49 -16.45 -15.42
C SER A 127 -0.84 -16.71 -14.73
N GLY A 128 -1.86 -15.92 -15.03
CA GLY A 128 -3.21 -16.21 -14.55
C GLY A 128 -3.58 -15.36 -13.33
N SER A 129 -4.20 -15.99 -12.34
CA SER A 129 -5.17 -15.26 -11.50
C SER A 129 -5.63 -16.11 -10.32
N SER A 130 -4.92 -15.99 -9.19
CA SER A 130 -5.44 -16.54 -7.94
C SER A 130 -5.25 -15.61 -6.77
N TYR A 131 -6.37 -15.16 -6.20
CA TYR A 131 -6.41 -14.24 -5.07
C TYR A 131 -6.50 -15.01 -3.75
N PRO A 132 -5.51 -14.81 -2.90
CA PRO A 132 -5.40 -15.45 -1.61
C PRO A 132 -6.43 -14.91 -0.62
N SER A 133 -6.80 -15.82 0.29
CA SER A 133 -7.45 -15.44 1.51
C SER A 133 -6.45 -15.01 2.55
N LEU A 134 -5.22 -15.53 2.55
CA LEU A 134 -4.34 -15.20 3.68
C LEU A 134 -3.37 -14.08 3.26
N LEU A 135 -3.09 -13.16 4.18
CA LEU A 135 -2.25 -12.01 3.80
C LEU A 135 -0.88 -12.41 3.31
N GLN A 136 -0.41 -11.90 2.16
CA GLN A 136 0.96 -12.25 1.73
C GLN A 136 1.98 -11.16 2.04
N CYS A 137 3.23 -11.56 2.24
CA CYS A 137 4.38 -10.70 2.41
C CYS A 137 5.51 -10.89 1.40
N LEU A 138 6.32 -9.81 1.27
CA LEU A 138 7.43 -9.81 0.33
C LEU A 138 8.48 -8.84 0.93
N LYS A 139 9.67 -9.34 1.17
CA LYS A 139 10.82 -8.43 1.35
C LYS A 139 11.50 -8.03 0.07
N ALA A 140 11.73 -6.71 -0.10
CA ALA A 140 12.45 -6.24 -1.28
C ALA A 140 13.14 -4.90 -1.03
N PRO A 141 14.11 -4.57 -1.85
CA PRO A 141 14.96 -3.40 -1.66
C PRO A 141 14.47 -2.19 -2.45
N VAL A 142 14.68 -1.01 -1.92
CA VAL A 142 14.56 0.24 -2.71
C VAL A 142 15.63 0.28 -3.77
N LEU A 143 15.24 0.33 -5.03
CA LEU A 143 16.17 0.46 -6.14
C LEU A 143 16.64 1.91 -6.28
N SER A 144 17.86 2.15 -6.78
CA SER A 144 18.22 3.46 -7.20
C SER A 144 17.24 4.11 -8.20
N ASN A 145 17.43 5.43 -8.20
CA ASN A 145 16.73 6.27 -9.17
C ASN A 145 17.13 5.96 -10.58
N SER A 146 18.40 5.60 -10.80
CA SER A 146 18.85 5.17 -12.10
C SER A 146 18.30 3.86 -12.59
N SER A 147 18.11 2.85 -11.75
CA SER A 147 17.57 1.56 -12.21
C SER A 147 16.05 1.65 -12.39
N CYS A 148 15.47 2.60 -11.68
CA CYS A 148 14.02 2.82 -11.80
C CYS A 148 13.76 3.54 -13.13
N LYS A 149 14.51 4.62 -13.38
CA LYS A 149 14.31 5.41 -14.58
C LYS A 149 14.77 4.72 -15.85
N SER A 150 15.84 3.92 -15.82
CA SER A 150 16.09 3.08 -17.01
C SER A 150 14.98 2.08 -17.26
N SER A 151 14.26 1.60 -16.25
CA SER A 151 13.18 0.66 -16.52
C SER A 151 11.99 1.32 -17.20
N TYR A 152 11.72 2.59 -16.88
CA TYR A 152 10.54 3.27 -17.38
C TYR A 152 10.83 4.64 -17.96
N PRO A 153 11.42 4.71 -19.14
CA PRO A 153 12.00 5.95 -19.65
C PRO A 153 10.92 7.02 -19.85
N GLY A 154 11.19 8.21 -19.33
CA GLY A 154 10.31 9.34 -19.28
C GLY A 154 9.13 9.29 -18.34
N GLN A 155 8.93 8.30 -17.47
CA GLN A 155 7.66 8.08 -16.80
C GLN A 155 7.77 8.07 -15.27
N ILE A 156 8.96 8.17 -14.75
CA ILE A 156 9.22 8.24 -13.32
C ILE A 156 9.36 9.67 -12.86
N THR A 157 8.41 10.08 -11.98
CA THR A 157 8.52 11.49 -11.53
C THR A 157 9.26 11.48 -10.20
N GLY A 158 9.37 12.69 -9.64
CA GLY A 158 10.05 12.84 -8.36
C GLY A 158 9.22 12.34 -7.20
N ASN A 159 7.96 11.96 -7.41
CA ASN A 159 7.14 11.43 -6.31
C ASN A 159 6.95 9.92 -6.43
N MET A 160 7.90 9.26 -7.07
CA MET A 160 7.79 7.81 -7.28
C MET A 160 9.11 7.14 -6.92
N ILE A 161 9.05 5.96 -6.32
CA ILE A 161 10.26 5.14 -6.20
C ILE A 161 10.03 3.74 -6.73
N CYS A 162 11.10 3.08 -7.15
CA CYS A 162 10.99 1.66 -7.51
C CYS A 162 11.51 0.76 -6.37
N VAL A 163 10.71 -0.25 -6.07
CA VAL A 163 11.05 -1.23 -5.05
C VAL A 163 10.92 -2.61 -5.68
N GLY A 164 11.95 -3.45 -5.56
CA GLY A 164 11.77 -4.84 -5.99
C GLY A 164 12.98 -5.44 -6.68
N PHE A 165 12.75 -6.23 -7.73
CA PHE A 165 13.84 -7.02 -8.31
C PHE A 165 13.83 -6.99 -9.84
N LEU A 166 14.98 -6.76 -10.45
CA LEU A 166 15.07 -6.64 -11.90
C LEU A 166 14.96 -7.96 -12.64
N GLN A 167 15.32 -9.08 -12.02
CA GLN A 167 15.13 -10.38 -12.61
C GLN A 167 13.72 -10.88 -12.69
N GLY A 168 12.70 -10.15 -12.24
CA GLY A 168 11.33 -10.62 -12.27
C GLY A 168 11.00 -11.61 -11.18
N GLY A 169 9.73 -12.03 -11.11
CA GLY A 169 9.30 -13.13 -10.28
C GLY A 169 8.90 -12.72 -8.86
N LYS A 170 9.28 -11.52 -8.41
CA LYS A 170 8.82 -11.05 -7.10
C LYS A 170 8.24 -9.65 -7.15
N ASP A 171 6.95 -9.45 -6.91
CA ASP A 171 6.47 -8.02 -7.00
C ASP A 171 5.06 -7.93 -6.41
N SER A 172 4.55 -6.69 -6.38
CA SER A 172 3.15 -6.47 -6.02
C SER A 172 2.35 -6.54 -7.32
N CYS A 173 1.05 -6.69 -7.20
CA CYS A 173 0.19 -6.97 -8.39
C CYS A 173 -1.20 -6.36 -8.11
N GLN A 174 -2.13 -6.55 -9.03
CA GLN A 174 -3.49 -6.03 -8.86
C GLN A 174 -4.11 -6.55 -7.55
N GLY A 175 -4.71 -5.64 -6.81
CA GLY A 175 -5.29 -6.06 -5.52
C GLY A 175 -4.39 -5.66 -4.35
N ASP A 176 -3.07 -5.52 -4.55
CA ASP A 176 -2.18 -4.99 -3.54
C ASP A 176 -2.19 -3.45 -3.57
N SER A 177 -2.76 -2.86 -4.60
CA SER A 177 -2.70 -1.37 -4.67
C SER A 177 -3.24 -0.77 -3.38
N GLY A 178 -2.58 0.32 -2.99
CA GLY A 178 -3.06 1.10 -1.86
C GLY A 178 -2.27 0.70 -0.62
N GLY A 179 -1.61 -0.45 -0.70
CA GLY A 179 -0.98 -1.12 0.39
C GLY A 179 0.42 -0.61 0.74
N PRO A 180 0.91 -1.09 1.87
CA PRO A 180 2.02 -0.45 2.60
C PRO A 180 3.33 -0.95 2.04
N VAL A 181 4.32 -0.07 1.92
CA VAL A 181 5.72 -0.48 1.80
C VAL A 181 6.46 0.12 3.01
N VAL A 182 6.89 -0.78 3.89
CA VAL A 182 7.45 -0.31 5.16
C VAL A 182 8.91 -0.66 5.31
N CYS A 183 9.75 0.32 5.62
CA CYS A 183 11.21 0.10 5.59
C CYS A 183 11.77 0.68 6.90
N ASN A 184 12.42 -0.14 7.71
CA ASN A 184 13.01 0.39 8.97
C ASN A 184 11.96 1.10 9.82
N GLY A 185 10.79 0.52 9.94
CA GLY A 185 9.73 1.02 10.76
C GLY A 185 8.98 2.20 10.17
N GLN A 186 9.21 2.59 8.92
CA GLN A 186 8.53 3.81 8.41
C GLN A 186 7.82 3.49 7.10
N LEU A 187 6.65 4.08 6.88
CA LEU A 187 5.94 3.85 5.63
C LEU A 187 6.58 4.74 4.58
N GLN A 188 7.22 4.09 3.60
CA GLN A 188 7.93 4.88 2.58
C GLN A 188 7.25 4.79 1.22
N GLY A 189 6.41 3.78 1.01
CA GLY A 189 5.76 3.59 -0.29
C GLY A 189 4.28 3.22 -0.16
N ILE A 190 3.50 3.54 -1.18
CA ILE A 190 2.15 2.96 -1.39
C ILE A 190 2.19 2.18 -2.71
N VAL A 191 1.63 0.96 -2.80
CA VAL A 191 1.56 0.22 -4.04
C VAL A 191 0.81 1.03 -5.10
N SER A 192 1.42 1.29 -6.26
CA SER A 192 0.84 2.24 -7.21
C SER A 192 0.68 1.65 -8.59
N TRP A 193 1.79 1.33 -9.27
CA TRP A 193 1.69 0.92 -10.65
C TRP A 193 2.87 0.07 -11.08
N GLY A 194 2.83 -0.39 -12.32
CA GLY A 194 3.90 -1.22 -12.88
C GLY A 194 3.52 -1.47 -14.35
N TYR A 195 4.34 -2.23 -15.04
CA TYR A 195 3.82 -2.85 -16.31
C TYR A 195 3.62 -4.31 -16.06
N GLY A 196 2.37 -4.75 -15.85
CA GLY A 196 2.11 -6.14 -15.45
C GLY A 196 2.60 -6.40 -14.03
N CYS A 197 2.93 -7.64 -13.67
CA CYS A 197 3.54 -7.89 -12.36
C CYS A 197 4.72 -8.87 -12.49
N ALA A 198 5.83 -8.58 -11.82
CA ALA A 198 6.93 -9.51 -11.70
C ALA A 198 7.57 -9.82 -13.07
N GLN A 199 7.41 -8.91 -14.03
CA GLN A 199 8.11 -9.07 -15.32
C GLN A 199 9.58 -8.70 -15.13
N LYS A 200 10.48 -9.40 -15.81
CA LYS A 200 11.90 -9.00 -15.85
C LYS A 200 12.06 -7.55 -16.28
N ASN A 201 12.92 -6.82 -15.57
CA ASN A 201 13.15 -5.41 -15.83
C ASN A 201 11.96 -4.50 -15.76
N LYS A 202 10.84 -4.90 -15.14
CA LYS A 202 9.78 -3.92 -14.86
C LYS A 202 9.35 -4.05 -13.39
N PRO A 203 10.16 -3.61 -12.48
CA PRO A 203 9.81 -3.64 -11.05
C PRO A 203 8.63 -2.72 -10.75
N GLY A 204 7.98 -2.97 -9.62
CA GLY A 204 6.84 -2.16 -9.20
C GLY A 204 7.27 -0.72 -8.89
N VAL A 205 6.41 0.23 -9.16
CA VAL A 205 6.67 1.61 -8.77
C VAL A 205 5.65 2.07 -7.72
N TYR A 206 6.09 2.97 -6.84
CA TYR A 206 5.39 3.23 -5.60
C TYR A 206 5.36 4.73 -5.33
N THR A 207 4.25 5.18 -4.71
CA THR A 207 4.19 6.64 -4.41
C THR A 207 5.23 6.86 -3.31
N LYS A 208 5.99 7.95 -3.42
CA LYS A 208 7.10 8.23 -2.51
C LYS A 208 6.63 9.00 -1.29
N VAL A 209 6.31 8.29 -0.18
CA VAL A 209 5.48 8.85 0.87
C VAL A 209 6.22 10.02 1.54
N CYS A 210 7.57 9.93 1.49
CA CYS A 210 8.31 10.98 2.21
C CYS A 210 8.02 12.35 1.66
N ASN A 211 7.65 12.58 0.41
CA ASN A 211 7.25 13.89 -0.05
C ASN A 211 5.90 14.38 0.46
N TYR A 212 5.16 13.58 1.23
CA TYR A 212 3.75 13.82 1.47
C TYR A 212 3.40 14.00 2.93
N VAL A 213 4.36 14.07 3.82
CA VAL A 213 4.07 14.25 5.25
C VAL A 213 3.35 15.55 5.58
N ASN A 214 3.81 16.68 5.06
CA ASN A 214 3.10 17.95 5.22
C ASN A 214 1.66 17.93 4.70
N TRP A 215 1.39 17.39 3.52
CA TRP A 215 0.00 17.32 3.02
C TRP A 215 -0.85 16.45 3.93
N ILE A 216 -0.28 15.34 4.42
CA ILE A 216 -1.07 14.39 5.23
C ILE A 216 -1.43 15.05 6.57
N GLN A 217 -0.46 15.73 7.13
CA GLN A 217 -0.62 16.32 8.47
C GLN A 217 -1.66 17.44 8.40
N GLN A 218 -1.49 18.28 7.39
CA GLN A 218 -2.42 19.39 7.16
C GLN A 218 -3.84 18.90 6.88
N THR A 219 -3.97 17.85 6.06
CA THR A 219 -5.33 17.37 5.76
C THR A 219 -6.01 16.82 7.01
N ILE A 220 -5.27 16.11 7.83
CA ILE A 220 -5.86 15.59 9.09
C ILE A 220 -6.29 16.72 9.99
N ALA A 221 -5.48 17.80 10.04
CA ALA A 221 -5.76 18.88 10.97
C ALA A 221 -7.04 19.61 10.60
N ALA A 222 -7.36 19.70 9.34
CA ALA A 222 -8.44 20.44 8.76
C ALA A 222 -9.73 19.64 8.52
N ASN A 223 -9.85 18.42 9.03
CA ASN A 223 -11.02 17.61 8.61
C ASN A 223 -11.37 16.62 9.72
CA CA B . -10.97 -12.53 8.89
S SO4 C . -5.61 -2.57 -8.70
O1 SO4 C . -6.94 -3.27 -8.85
O2 SO4 C . -4.92 -3.09 -7.47
O3 SO4 C . -4.77 -2.86 -9.90
O4 SO4 C . -5.83 -1.09 -8.55
C1 EDO D . -17.66 4.37 -7.09
O1 EDO D . -18.40 3.33 -7.75
C2 EDO D . -18.25 5.74 -7.43
O2 EDO D . -17.45 6.75 -6.82
C1 EDO E . -10.62 -16.30 -2.97
O1 EDO E . -9.65 -16.69 -3.95
C2 EDO E . -10.48 -14.82 -2.62
O2 EDO E . -11.64 -14.33 -1.96
C1 EDO F . -4.67 -6.13 23.36
O1 EDO F . -4.81 -7.45 22.83
C2 EDO F . -3.33 -6.03 24.10
O2 EDO F . -2.96 -4.66 24.31
C1 EDO G . 2.95 14.30 -14.28
O1 EDO G . 1.70 13.62 -14.38
C2 EDO G . 4.11 13.37 -14.68
O2 EDO G . 4.87 13.97 -15.72
C1 EDO H . -6.30 16.22 14.52
O1 EDO H . -6.09 14.81 14.41
C2 EDO H . -7.80 16.53 14.41
O2 EDO H . -8.00 17.71 13.62
#